data_5T92
#
_entry.id   5T92
#
_cell.length_a   105.220
_cell.length_b   53.890
_cell.length_c   97.110
_cell.angle_alpha   90.000
_cell.angle_beta   114.110
_cell.angle_gamma   90.000
#
_symmetry.space_group_name_H-M   'C 1 2 1'
#
loop_
_entity.id
_entity.type
_entity.pdbx_description
1 polymer 'Estrogen receptor'
2 non-polymer '(2E)-3-{4-[(1R)-2-(4-fluorophenyl)-6-hydroxy-1-methyl-1,2,3,4-tetrahydroisoquinolin-1-yl]phenyl}prop-2-enoic acid'
3 water water
#
_entity_poly.entity_id   1
_entity_poly.type   'polypeptide(L)'
_entity_poly.pdbx_seq_one_letter_code
;GSKKNSLALSLTADQMVSALLDAEPPILYSEYDPTRPFSEASMMGLLTNLADRELVHMINWAKRVPGFVDLTLHDQVHLL
ESAWLEILMIGLVWRSMEHPGKLLFAPNLLLDRNQGKSVEGMVEIFDMLLATSSRFRMMNLQGEEFVCLKSIILLNSGVY
TFLSSTLKSLEEKDHIHRVLDKITDTLIHLMAKAGLTLQQQHQRLAQLLLILSHIRHMSNKGMEHLYSMKSKNVVPLYDL
LLEMLDAHRLHAPT
;
_entity_poly.pdbx_strand_id   A,B
#
loop_
_chem_comp.id
_chem_comp.type
_chem_comp.name
_chem_comp.formula
77W non-polymer '(2E)-3-{4-[(1R)-2-(4-fluorophenyl)-6-hydroxy-1-methyl-1,2,3,4-tetrahydroisoquinolin-1-yl]phenyl}prop-2-enoic acid' 'C25 H22 F N O3'
#
# COMPACT_ATOMS: atom_id res chain seq x y z
N LEU A 11 -23.72 1.34 11.60
CA LEU A 11 -24.09 1.70 10.21
C LEU A 11 -23.91 0.50 9.29
N THR A 12 -24.91 0.23 8.44
CA THR A 12 -24.86 -0.88 7.48
C THR A 12 -23.90 -0.57 6.33
N ALA A 13 -23.69 -1.55 5.43
CA ALA A 13 -22.82 -1.41 4.26
C ALA A 13 -23.38 -0.40 3.27
N ASP A 14 -24.72 -0.30 3.15
CA ASP A 14 -25.40 0.64 2.25
C ASP A 14 -25.38 2.06 2.83
N GLN A 15 -25.60 2.16 4.15
CA GLN A 15 -25.59 3.41 4.92
C GLN A 15 -24.20 4.01 4.97
N MET A 16 -23.14 3.18 4.88
CA MET A 16 -21.75 3.63 4.86
C MET A 16 -21.45 4.36 3.55
N VAL A 17 -21.81 3.76 2.38
CA VAL A 17 -21.60 4.35 1.04
C VAL A 17 -22.32 5.70 0.91
N SER A 18 -23.56 5.80 1.43
CA SER A 18 -24.38 7.01 1.40
C SER A 18 -23.75 8.10 2.26
N ALA A 19 -23.34 7.76 3.50
CA ALA A 19 -22.70 8.67 4.44
C ALA A 19 -21.43 9.27 3.83
N LEU A 20 -20.64 8.42 3.13
CA LEU A 20 -19.41 8.81 2.46
C LEU A 20 -19.65 9.68 1.24
N LEU A 21 -20.59 9.28 0.36
CA LEU A 21 -20.92 10.01 -0.86
C LEU A 21 -21.43 11.42 -0.55
N ASP A 22 -22.28 11.56 0.48
CA ASP A 22 -22.80 12.85 0.95
C ASP A 22 -21.67 13.75 1.51
N ALA A 23 -20.69 13.14 2.22
CA ALA A 23 -19.52 13.82 2.82
C ALA A 23 -18.52 14.41 1.80
N GLU A 24 -18.61 14.03 0.50
CA GLU A 24 -17.71 14.46 -0.59
C GLU A 24 -17.51 15.96 -0.69
N PRO A 25 -16.23 16.41 -0.70
CA PRO A 25 -15.96 17.85 -0.80
C PRO A 25 -16.31 18.38 -2.19
N PRO A 26 -16.52 19.69 -2.35
CA PRO A 26 -16.81 20.21 -3.69
C PRO A 26 -15.59 20.22 -4.62
N ILE A 27 -15.81 20.49 -5.93
CA ILE A 27 -14.69 20.63 -6.86
C ILE A 27 -14.39 22.13 -6.92
N LEU A 28 -13.20 22.51 -6.46
CA LEU A 28 -12.80 23.91 -6.45
C LEU A 28 -12.15 24.32 -7.79
N TYR A 29 -12.06 25.64 -8.01
CA TYR A 29 -11.46 26.24 -9.19
C TYR A 29 -10.12 26.86 -8.86
N SER A 30 -9.22 26.88 -9.88
CA SER A 30 -7.89 27.47 -9.81
C SER A 30 -8.00 29.00 -9.76
N SER A 39 5.92 29.71 -16.18
CA SER A 39 6.78 29.98 -15.03
C SER A 39 6.55 28.95 -13.92
N GLU A 40 7.65 28.43 -13.32
CA GLU A 40 7.61 27.45 -12.22
C GLU A 40 6.91 28.05 -10.99
N ALA A 41 7.26 29.30 -10.64
CA ALA A 41 6.69 30.05 -9.53
C ALA A 41 5.21 30.35 -9.75
N SER A 42 4.81 30.63 -11.01
CA SER A 42 3.41 30.91 -11.38
C SER A 42 2.60 29.63 -11.17
N MET A 43 3.03 28.52 -11.81
CA MET A 43 2.45 27.17 -11.69
C MET A 43 2.30 26.75 -10.21
N MET A 44 3.42 26.82 -9.46
CA MET A 44 3.49 26.50 -8.04
C MET A 44 2.61 27.37 -7.19
N GLY A 45 2.43 28.63 -7.59
CA GLY A 45 1.56 29.58 -6.91
C GLY A 45 0.11 29.17 -7.00
N LEU A 46 -0.33 28.82 -8.21
CA LEU A 46 -1.70 28.37 -8.53
C LEU A 46 -2.04 27.04 -7.87
N LEU A 47 -1.11 26.08 -7.90
CA LEU A 47 -1.27 24.73 -7.33
C LEU A 47 -1.33 24.75 -5.81
N THR A 48 -0.41 25.51 -5.17
CA THR A 48 -0.35 25.69 -3.72
C THR A 48 -1.63 26.38 -3.26
N ASN A 49 -2.10 27.41 -4.03
CA ASN A 49 -3.31 28.17 -3.72
C ASN A 49 -4.53 27.27 -3.72
N LEU A 50 -4.70 26.44 -4.76
CA LEU A 50 -5.79 25.48 -4.88
C LEU A 50 -5.70 24.46 -3.75
N ALA A 51 -4.52 23.85 -3.55
CA ALA A 51 -4.32 22.85 -2.50
C ALA A 51 -4.66 23.36 -1.09
N ASP A 52 -4.34 24.66 -0.78
CA ASP A 52 -4.64 25.24 0.53
C ASP A 52 -6.16 25.45 0.76
N ARG A 53 -6.88 25.76 -0.32
CA ARG A 53 -8.32 25.97 -0.28
C ARG A 53 -9.02 24.60 -0.13
N GLU A 54 -8.52 23.59 -0.84
CA GLU A 54 -8.99 22.18 -0.77
C GLU A 54 -8.79 21.54 0.61
N LEU A 55 -7.75 21.99 1.33
CA LEU A 55 -7.46 21.47 2.65
C LEU A 55 -8.57 21.78 3.65
N VAL A 56 -9.21 22.94 3.53
CA VAL A 56 -10.32 23.37 4.40
C VAL A 56 -11.49 22.42 4.22
N HIS A 57 -11.85 22.11 2.96
CA HIS A 57 -12.95 21.20 2.65
C HIS A 57 -12.64 19.75 3.03
N MET A 58 -11.34 19.31 2.88
CA MET A 58 -10.83 18.00 3.29
C MET A 58 -10.99 17.79 4.79
N ILE A 59 -10.75 18.86 5.61
CA ILE A 59 -10.88 18.78 7.07
C ILE A 59 -12.34 18.49 7.43
N ASN A 60 -13.26 19.24 6.79
CA ASN A 60 -14.71 19.06 7.00
C ASN A 60 -15.20 17.73 6.48
N TRP A 61 -14.56 17.21 5.42
CA TRP A 61 -14.90 15.91 4.88
C TRP A 61 -14.50 14.86 5.92
N ALA A 62 -13.27 14.99 6.49
CA ALA A 62 -12.71 14.08 7.49
C ALA A 62 -13.62 13.97 8.70
N LYS A 63 -14.21 15.10 9.12
CA LYS A 63 -15.14 15.13 10.25
C LYS A 63 -16.41 14.29 10.01
N ARG A 64 -16.78 14.09 8.73
CA ARG A 64 -17.97 13.31 8.33
C ARG A 64 -17.69 11.81 8.08
N VAL A 65 -16.41 11.40 8.02
CA VAL A 65 -16.01 10.01 7.84
C VAL A 65 -16.38 9.21 9.11
N PRO A 66 -17.30 8.22 9.02
CA PRO A 66 -17.71 7.46 10.20
C PRO A 66 -16.54 6.95 11.06
N GLY A 67 -16.56 7.32 12.34
CA GLY A 67 -15.52 6.93 13.28
C GLY A 67 -14.44 7.96 13.56
N PHE A 68 -14.19 8.91 12.62
CA PHE A 68 -13.16 9.95 12.75
C PHE A 68 -13.34 10.89 13.93
N VAL A 69 -14.58 11.37 14.20
CA VAL A 69 -14.84 12.28 15.33
C VAL A 69 -14.76 11.61 16.70
N ASP A 70 -14.91 10.27 16.75
CA ASP A 70 -14.78 9.46 17.97
C ASP A 70 -13.33 9.55 18.47
N LEU A 71 -12.36 9.64 17.52
CA LEU A 71 -10.94 9.78 17.82
C LEU A 71 -10.63 11.09 18.53
N THR A 72 -9.59 11.09 19.38
CA THR A 72 -9.15 12.27 20.11
C THR A 72 -8.65 13.28 19.10
N LEU A 73 -8.73 14.57 19.43
CA LEU A 73 -8.29 15.66 18.57
C LEU A 73 -6.82 15.51 18.17
N HIS A 74 -6.03 14.89 19.06
CA HIS A 74 -4.62 14.58 18.88
C HIS A 74 -4.45 13.52 17.78
N ASP A 75 -5.36 12.52 17.73
CA ASP A 75 -5.35 11.45 16.75
C ASP A 75 -5.87 11.92 15.38
N GLN A 76 -6.88 12.82 15.39
CA GLN A 76 -7.44 13.44 14.18
C GLN A 76 -6.35 14.27 13.45
N VAL A 77 -5.60 15.09 14.18
CA VAL A 77 -4.53 15.95 13.67
C VAL A 77 -3.42 15.13 13.01
N HIS A 78 -2.98 14.05 13.69
CA HIS A 78 -1.91 13.15 13.23
C HIS A 78 -2.30 12.44 11.92
N LEU A 79 -3.52 11.85 11.85
CA LEU A 79 -4.03 11.20 10.62
C LEU A 79 -4.07 12.16 9.45
N LEU A 80 -4.60 13.37 9.65
CA LEU A 80 -4.70 14.37 8.57
C LEU A 80 -3.34 14.89 8.10
N GLU A 81 -2.42 15.11 9.05
CA GLU A 81 -1.05 15.55 8.79
C GLU A 81 -0.32 14.51 7.97
N SER A 82 -0.61 13.22 8.23
CA SER A 82 0.01 12.09 7.55
C SER A 82 -0.60 11.88 6.17
N ALA A 83 -1.94 11.89 6.08
CA ALA A 83 -2.70 11.61 4.85
C ALA A 83 -2.94 12.75 3.86
N TRP A 84 -2.94 14.03 4.30
CA TRP A 84 -3.31 15.18 3.41
C TRP A 84 -2.91 15.12 1.95
N LEU A 85 -1.62 14.82 1.65
CA LEU A 85 -1.15 14.80 0.28
C LEU A 85 -1.63 13.60 -0.49
N GLU A 86 -1.87 12.47 0.20
CA GLU A 86 -2.41 11.27 -0.43
C GLU A 86 -3.84 11.54 -0.85
N ILE A 87 -4.57 12.28 0.00
CA ILE A 87 -5.98 12.68 -0.23
C ILE A 87 -6.06 13.64 -1.39
N LEU A 88 -5.17 14.65 -1.43
CA LEU A 88 -5.15 15.58 -2.57
C LEU A 88 -4.86 14.82 -3.87
N MET A 89 -3.96 13.81 -3.80
CA MET A 89 -3.53 12.99 -4.92
C MET A 89 -4.58 12.03 -5.44
N ILE A 90 -5.28 11.29 -4.55
CA ILE A 90 -6.34 10.36 -4.99
C ILE A 90 -7.52 11.12 -5.63
N GLY A 91 -7.85 12.29 -5.07
CA GLY A 91 -8.90 13.17 -5.60
C GLY A 91 -8.53 13.69 -6.97
N LEU A 92 -7.24 14.08 -7.15
CA LEU A 92 -6.72 14.55 -8.45
C LEU A 92 -6.84 13.42 -9.48
N VAL A 93 -6.32 12.23 -9.14
CA VAL A 93 -6.31 11.02 -9.95
C VAL A 93 -7.73 10.65 -10.40
N TRP A 94 -8.70 10.69 -9.48
CA TRP A 94 -10.13 10.42 -9.74
C TRP A 94 -10.77 11.46 -10.66
N ARG A 95 -10.36 12.74 -10.55
CA ARG A 95 -10.89 13.81 -11.40
C ARG A 95 -10.35 13.68 -12.82
N SER A 96 -9.07 13.26 -12.94
CA SER A 96 -8.32 13.13 -14.21
C SER A 96 -8.56 11.79 -14.95
N MET A 97 -9.43 10.92 -14.40
CA MET A 97 -9.71 9.58 -14.92
C MET A 97 -10.18 9.56 -16.38
N GLU A 98 -11.32 10.24 -16.68
CA GLU A 98 -11.90 10.33 -18.02
C GLU A 98 -11.36 11.52 -18.82
N HIS A 99 -10.03 11.77 -18.67
CA HIS A 99 -9.24 12.81 -19.34
C HIS A 99 -7.81 12.23 -19.58
N PRO A 100 -7.65 11.24 -20.49
CA PRO A 100 -6.34 10.62 -20.71
C PRO A 100 -5.18 11.53 -21.10
N GLY A 101 -4.06 11.35 -20.41
CA GLY A 101 -2.82 12.10 -20.62
C GLY A 101 -2.87 13.52 -20.09
N LYS A 102 -3.85 13.80 -19.22
CA LYS A 102 -4.07 15.12 -18.62
C LYS A 102 -4.40 15.00 -17.13
N LEU A 103 -4.10 16.08 -16.37
CA LEU A 103 -4.41 16.12 -14.93
C LEU A 103 -5.44 17.21 -14.65
N LEU A 104 -6.65 16.81 -14.19
CA LEU A 104 -7.72 17.76 -13.84
C LEU A 104 -7.52 18.32 -12.43
N PHE A 105 -6.60 19.29 -12.28
CA PHE A 105 -6.36 19.96 -11.00
C PHE A 105 -7.61 20.77 -10.65
N ALA A 106 -8.19 21.45 -11.68
CA ALA A 106 -9.40 22.25 -11.57
C ALA A 106 -10.09 22.29 -12.96
N PRO A 107 -11.42 22.54 -13.09
CA PRO A 107 -12.04 22.59 -14.43
C PRO A 107 -11.43 23.66 -15.35
N ASN A 108 -10.73 24.65 -14.77
CA ASN A 108 -10.03 25.72 -15.50
C ASN A 108 -8.50 25.49 -15.44
N LEU A 109 -8.06 24.30 -14.98
CA LEU A 109 -6.63 23.97 -14.88
C LEU A 109 -6.38 22.49 -15.18
N LEU A 110 -6.61 22.11 -16.45
CA LEU A 110 -6.42 20.77 -16.99
C LEU A 110 -5.08 20.78 -17.69
N LEU A 111 -4.05 20.20 -17.04
CA LEU A 111 -2.69 20.21 -17.58
C LEU A 111 -2.26 18.91 -18.24
N GLY A 121 10.73 20.46 -12.56
CA GLY A 121 11.23 19.38 -11.72
C GLY A 121 10.15 18.77 -10.83
N MET A 122 9.00 18.47 -11.43
CA MET A 122 7.82 17.89 -10.77
C MET A 122 7.12 16.91 -11.73
N VAL A 123 7.65 16.79 -12.98
CA VAL A 123 7.14 15.94 -14.06
C VAL A 123 7.18 14.46 -13.67
N GLU A 124 8.18 14.07 -12.83
CA GLU A 124 8.34 12.69 -12.34
C GLU A 124 7.11 12.29 -11.52
N ILE A 125 6.66 13.17 -10.59
CA ILE A 125 5.44 12.97 -9.78
C ILE A 125 4.21 13.04 -10.66
N PHE A 126 4.18 13.97 -11.63
CA PHE A 126 3.09 14.15 -12.60
C PHE A 126 2.87 12.91 -13.46
N ASP A 127 3.96 12.30 -13.99
CA ASP A 127 3.88 11.08 -14.82
C ASP A 127 3.43 9.89 -13.97
N MET A 128 3.80 9.85 -12.66
CA MET A 128 3.36 8.80 -11.73
C MET A 128 1.85 8.92 -11.46
N LEU A 129 1.33 10.17 -11.39
CA LEU A 129 -0.09 10.45 -11.15
C LEU A 129 -0.94 10.07 -12.33
N LEU A 130 -0.39 10.28 -13.56
CA LEU A 130 -1.04 9.92 -14.82
C LEU A 130 -1.13 8.41 -14.96
N ALA A 131 -0.10 7.67 -14.48
CA ALA A 131 -0.11 6.20 -14.51
C ALA A 131 -1.24 5.68 -13.63
N THR A 132 -1.41 6.27 -12.43
CA THR A 132 -2.46 5.91 -11.48
C THR A 132 -3.86 6.13 -12.08
N SER A 133 -4.04 7.26 -12.80
CA SER A 133 -5.27 7.66 -13.48
C SER A 133 -5.66 6.59 -14.52
N SER A 134 -4.66 6.16 -15.35
CA SER A 134 -4.80 5.15 -16.39
C SER A 134 -5.17 3.82 -15.75
N ARG A 135 -4.53 3.48 -14.61
CA ARG A 135 -4.81 2.25 -13.87
C ARG A 135 -6.27 2.20 -13.39
N PHE A 136 -6.78 3.27 -12.78
CA PHE A 136 -8.16 3.29 -12.32
C PHE A 136 -9.18 3.26 -13.50
N ARG A 137 -8.75 3.76 -14.68
CA ARG A 137 -9.53 3.80 -15.91
C ARG A 137 -9.62 2.36 -16.42
N MET A 138 -8.44 1.67 -16.54
CA MET A 138 -8.30 0.26 -16.92
C MET A 138 -9.25 -0.60 -16.07
N MET A 139 -9.12 -0.46 -14.74
CA MET A 139 -9.89 -1.15 -13.70
C MET A 139 -11.37 -0.77 -13.65
N ASN A 140 -11.75 0.36 -14.29
CA ASN A 140 -13.10 0.95 -14.29
C ASN A 140 -13.56 1.26 -12.86
N LEU A 141 -12.70 1.99 -12.12
CA LEU A 141 -12.99 2.37 -10.74
C LEU A 141 -14.32 3.12 -10.65
N GLN A 142 -15.16 2.76 -9.67
CA GLN A 142 -16.47 3.37 -9.43
C GLN A 142 -16.40 4.35 -8.25
N GLY A 143 -17.19 5.43 -8.33
CA GLY A 143 -17.28 6.50 -7.35
C GLY A 143 -17.46 6.04 -5.92
N GLU A 144 -18.28 4.99 -5.74
CA GLU A 144 -18.59 4.32 -4.47
C GLU A 144 -17.29 3.74 -3.87
N GLU A 145 -16.49 3.11 -4.71
CA GLU A 145 -15.22 2.50 -4.31
C GLU A 145 -14.21 3.58 -4.00
N PHE A 146 -14.24 4.70 -4.78
CA PHE A 146 -13.33 5.83 -4.60
C PHE A 146 -13.40 6.38 -3.19
N VAL A 147 -14.60 6.75 -2.74
CA VAL A 147 -14.86 7.30 -1.40
C VAL A 147 -14.41 6.33 -0.27
N CYS A 148 -14.47 5.02 -0.56
CA CYS A 148 -14.03 3.95 0.35
C CYS A 148 -12.51 3.98 0.42
N LEU A 149 -11.83 4.04 -0.78
CA LEU A 149 -10.37 4.12 -0.88
C LEU A 149 -9.83 5.37 -0.20
N LYS A 150 -10.54 6.52 -0.36
CA LYS A 150 -10.21 7.81 0.22
C LYS A 150 -10.28 7.77 1.76
N SER A 151 -11.35 7.19 2.31
CA SER A 151 -11.53 6.99 3.75
C SER A 151 -10.42 6.07 4.34
N ILE A 152 -10.09 4.98 3.62
CA ILE A 152 -9.05 4.01 3.98
C ILE A 152 -7.74 4.74 4.14
N ILE A 153 -7.36 5.57 3.15
CA ILE A 153 -6.13 6.37 3.22
C ILE A 153 -6.08 7.19 4.52
N LEU A 154 -7.11 8.02 4.74
CA LEU A 154 -7.20 8.87 5.94
C LEU A 154 -6.95 8.11 7.25
N LEU A 155 -7.56 6.92 7.40
CA LEU A 155 -7.40 6.10 8.61
C LEU A 155 -6.12 5.27 8.63
N ASN A 156 -5.67 4.81 7.45
CA ASN A 156 -4.46 3.98 7.30
C ASN A 156 -3.21 4.82 7.43
N SER A 157 -3.12 5.93 6.68
CA SER A 157 -1.97 6.81 6.70
C SER A 157 -2.02 7.66 7.95
N GLY A 158 -1.21 7.23 8.92
CA GLY A 158 -1.09 7.84 10.24
C GLY A 158 -1.19 6.82 11.36
N HIS A 175 -9.98 0.73 17.64
CA HIS A 175 -11.14 1.42 17.06
C HIS A 175 -10.96 1.64 15.55
N ILE A 176 -9.84 2.29 15.15
CA ILE A 176 -9.43 2.59 13.78
C ILE A 176 -9.50 1.34 12.89
N HIS A 177 -8.97 0.21 13.40
CA HIS A 177 -8.94 -1.07 12.69
C HIS A 177 -10.33 -1.64 12.44
N ARG A 178 -11.26 -1.52 13.42
CA ARG A 178 -12.66 -1.97 13.28
C ARG A 178 -13.38 -1.14 12.21
N VAL A 179 -13.08 0.18 12.16
CA VAL A 179 -13.64 1.10 11.16
C VAL A 179 -13.05 0.74 9.80
N LEU A 180 -11.71 0.46 9.72
CA LEU A 180 -11.06 0.04 8.48
C LEU A 180 -11.65 -1.28 8.02
N ASP A 181 -11.89 -2.21 8.98
CA ASP A 181 -12.55 -3.49 8.73
C ASP A 181 -13.96 -3.26 8.15
N LYS A 182 -14.71 -2.25 8.66
CA LYS A 182 -16.04 -1.87 8.15
C LYS A 182 -15.99 -1.32 6.73
N ILE A 183 -14.89 -0.60 6.37
CA ILE A 183 -14.72 -0.08 5.00
C ILE A 183 -14.35 -1.23 4.03
N THR A 184 -13.68 -2.29 4.53
CA THR A 184 -13.32 -3.47 3.72
C THR A 184 -14.56 -4.23 3.33
N ASP A 185 -15.46 -4.46 4.32
CA ASP A 185 -16.77 -5.14 4.14
C ASP A 185 -17.54 -4.36 3.08
N THR A 186 -17.64 -3.01 3.27
CA THR A 186 -18.31 -2.06 2.37
C THR A 186 -17.82 -2.21 0.93
N LEU A 187 -16.50 -2.21 0.69
CA LEU A 187 -15.94 -2.40 -0.64
C LEU A 187 -16.33 -3.75 -1.23
N ILE A 188 -16.30 -4.84 -0.40
CA ILE A 188 -16.68 -6.20 -0.81
C ILE A 188 -18.18 -6.25 -1.15
N HIS A 189 -19.03 -5.65 -0.28
CA HIS A 189 -20.49 -5.56 -0.44
C HIS A 189 -20.86 -4.91 -1.76
N LEU A 190 -20.04 -3.94 -2.21
CA LEU A 190 -20.24 -3.23 -3.48
C LEU A 190 -19.74 -4.09 -4.65
N MET A 191 -18.66 -4.88 -4.45
CA MET A 191 -18.10 -5.75 -5.48
C MET A 191 -19.04 -6.93 -5.72
N ALA A 192 -19.73 -7.37 -4.64
CA ALA A 192 -20.72 -8.45 -4.66
C ALA A 192 -21.96 -8.01 -5.45
N LYS A 193 -22.47 -6.78 -5.17
CA LYS A 193 -23.64 -6.19 -5.85
C LYS A 193 -23.43 -5.93 -7.35
N ALA A 194 -22.16 -5.78 -7.81
CA ALA A 194 -21.81 -5.55 -9.21
C ALA A 194 -21.71 -6.88 -10.02
N GLY A 195 -21.92 -8.01 -9.33
CA GLY A 195 -21.93 -9.32 -9.93
C GLY A 195 -20.56 -9.93 -10.22
N LEU A 196 -19.64 -9.78 -9.27
CA LEU A 196 -18.30 -10.37 -9.37
C LEU A 196 -18.29 -11.63 -8.51
N THR A 197 -17.56 -12.66 -8.94
CA THR A 197 -17.44 -13.91 -8.16
C THR A 197 -16.60 -13.63 -6.92
N LEU A 198 -16.75 -14.46 -5.87
CA LEU A 198 -15.99 -14.34 -4.61
C LEU A 198 -14.49 -14.21 -4.89
N GLN A 199 -13.99 -14.93 -5.93
CA GLN A 199 -12.60 -14.89 -6.38
C GLN A 199 -12.27 -13.49 -6.91
N GLN A 200 -13.07 -13.00 -7.87
CA GLN A 200 -12.90 -11.67 -8.46
C GLN A 200 -13.00 -10.60 -7.39
N GLN A 201 -13.97 -10.75 -6.44
CA GLN A 201 -14.21 -9.87 -5.30
C GLN A 201 -12.92 -9.66 -4.49
N HIS A 202 -12.27 -10.76 -4.02
CA HIS A 202 -11.03 -10.66 -3.27
C HIS A 202 -9.82 -10.22 -4.11
N GLN A 203 -9.83 -10.53 -5.44
CA GLN A 203 -8.80 -10.10 -6.38
C GLN A 203 -8.92 -8.59 -6.63
N ARG A 204 -10.17 -8.04 -6.67
CA ARG A 204 -10.43 -6.60 -6.88
C ARG A 204 -10.00 -5.80 -5.63
N LEU A 205 -10.34 -6.31 -4.42
CA LEU A 205 -9.98 -5.75 -3.11
C LEU A 205 -8.49 -5.55 -3.03
N ALA A 206 -7.72 -6.59 -3.39
CA ALA A 206 -6.28 -6.55 -3.41
C ALA A 206 -5.70 -5.58 -4.44
N GLN A 207 -6.27 -5.59 -5.66
CA GLN A 207 -5.85 -4.72 -6.77
C GLN A 207 -5.95 -3.24 -6.39
N LEU A 208 -7.01 -2.88 -5.63
CA LEU A 208 -7.27 -1.51 -5.18
C LEU A 208 -6.30 -1.10 -4.08
N LEU A 209 -6.20 -1.90 -3.01
CA LEU A 209 -5.35 -1.66 -1.85
C LEU A 209 -3.85 -1.64 -2.17
N LEU A 210 -3.41 -2.30 -3.27
CA LEU A 210 -2.00 -2.23 -3.67
C LEU A 210 -1.69 -0.93 -4.38
N ILE A 211 -2.73 -0.26 -4.95
CA ILE A 211 -2.56 1.04 -5.62
C ILE A 211 -2.22 2.12 -4.55
N LEU A 212 -2.71 1.94 -3.31
CA LEU A 212 -2.48 2.79 -2.14
C LEU A 212 -1.01 2.87 -1.73
N SER A 213 -0.24 1.78 -2.00
CA SER A 213 1.21 1.72 -1.77
C SER A 213 1.87 2.70 -2.73
N HIS A 214 1.39 2.74 -3.97
CA HIS A 214 1.90 3.64 -5.01
C HIS A 214 1.46 5.09 -4.71
N ILE A 215 0.29 5.28 -4.07
CA ILE A 215 -0.26 6.59 -3.68
C ILE A 215 0.65 7.17 -2.56
N ARG A 216 0.99 6.32 -1.57
CA ARG A 216 1.87 6.63 -0.45
C ARG A 216 3.29 6.99 -0.98
N HIS A 217 3.76 6.25 -2.02
CA HIS A 217 5.07 6.48 -2.66
C HIS A 217 5.08 7.88 -3.31
N MET A 218 3.99 8.24 -4.04
CA MET A 218 3.83 9.56 -4.67
C MET A 218 3.80 10.70 -3.65
N SER A 219 3.06 10.53 -2.51
CA SER A 219 3.05 11.53 -1.44
C SER A 219 4.44 11.76 -0.88
N ASN A 220 5.20 10.68 -0.62
CA ASN A 220 6.57 10.74 -0.08
C ASN A 220 7.53 11.56 -0.95
N LYS A 221 7.51 11.32 -2.27
CA LYS A 221 8.34 12.03 -3.25
C LYS A 221 7.92 13.50 -3.37
N GLY A 222 6.61 13.74 -3.19
CA GLY A 222 5.99 15.06 -3.22
C GLY A 222 6.32 15.85 -1.98
N MET A 223 6.28 15.19 -0.78
CA MET A 223 6.61 15.80 0.53
C MET A 223 8.08 16.20 0.53
N GLU A 224 8.91 15.37 -0.13
CA GLU A 224 10.35 15.53 -0.33
C GLU A 224 10.60 16.76 -1.18
N HIS A 225 9.91 16.89 -2.34
CA HIS A 225 10.05 18.04 -3.24
C HIS A 225 9.60 19.34 -2.58
N LEU A 226 8.50 19.31 -1.80
CA LEU A 226 7.97 20.45 -1.04
C LEU A 226 8.91 20.75 0.11
N ALA B 8 2.98 -21.80 -13.43
CA ALA B 8 3.09 -20.40 -13.02
C ALA B 8 1.68 -19.81 -12.80
N LEU B 9 0.89 -19.73 -13.88
CA LEU B 9 -0.50 -19.26 -13.88
C LEU B 9 -1.42 -20.46 -13.69
N SER B 10 -0.81 -21.66 -13.74
CA SER B 10 -1.43 -22.98 -13.60
C SER B 10 -1.18 -23.61 -12.22
N LEU B 11 -0.35 -22.97 -11.36
CA LEU B 11 -0.03 -23.48 -10.03
C LEU B 11 -1.19 -23.31 -9.09
N THR B 12 -1.35 -24.22 -8.16
CA THR B 12 -2.43 -24.11 -7.19
C THR B 12 -1.89 -23.31 -5.97
N ALA B 13 -2.73 -23.04 -4.94
CA ALA B 13 -2.33 -22.33 -3.74
C ALA B 13 -1.15 -23.05 -3.07
N ASP B 14 -1.33 -24.34 -2.67
CA ASP B 14 -0.28 -25.18 -2.05
C ASP B 14 1.04 -25.16 -2.81
N GLN B 15 1.02 -25.29 -4.16
CA GLN B 15 2.21 -25.32 -5.02
C GLN B 15 2.93 -23.97 -5.06
N MET B 16 2.15 -22.87 -4.98
CA MET B 16 2.69 -21.52 -4.96
C MET B 16 3.45 -21.33 -3.63
N VAL B 17 2.83 -21.71 -2.51
CA VAL B 17 3.45 -21.64 -1.18
C VAL B 17 4.71 -22.49 -1.10
N SER B 18 4.65 -23.73 -1.66
CA SER B 18 5.76 -24.68 -1.64
C SER B 18 6.94 -24.11 -2.42
N ALA B 19 6.68 -23.49 -3.58
CA ALA B 19 7.72 -22.86 -4.38
C ALA B 19 8.30 -21.66 -3.64
N LEU B 20 7.47 -20.99 -2.84
CA LEU B 20 7.91 -19.79 -2.12
C LEU B 20 8.70 -20.12 -0.87
N LEU B 21 8.18 -21.02 0.00
CA LEU B 21 8.85 -21.49 1.21
C LEU B 21 10.20 -22.14 0.90
N ASP B 22 10.31 -22.83 -0.26
CA ASP B 22 11.56 -23.44 -0.72
C ASP B 22 12.49 -22.46 -1.46
N ALA B 23 11.97 -21.29 -1.86
CA ALA B 23 12.76 -20.24 -2.51
C ALA B 23 13.46 -19.38 -1.46
N GLU B 24 12.98 -19.45 -0.20
CA GLU B 24 13.42 -18.66 0.95
C GLU B 24 14.92 -18.50 1.10
N PRO B 25 15.43 -17.25 1.24
CA PRO B 25 16.87 -17.08 1.45
C PRO B 25 17.33 -17.50 2.86
N PRO B 26 18.63 -17.76 3.09
CA PRO B 26 19.04 -18.14 4.46
C PRO B 26 19.20 -16.91 5.36
N ILE B 27 19.24 -17.10 6.69
CA ILE B 27 19.47 -16.02 7.63
C ILE B 27 20.97 -15.85 7.80
N LEU B 28 21.51 -14.72 7.32
CA LEU B 28 22.95 -14.47 7.40
C LEU B 28 23.36 -13.87 8.76
N TYR B 29 24.68 -13.80 9.04
CA TYR B 29 25.26 -13.24 10.26
C TYR B 29 26.08 -12.00 9.87
N SER B 30 26.19 -11.02 10.78
CA SER B 30 26.97 -9.79 10.51
C SER B 30 28.47 -10.06 10.48
N MET B 44 26.64 0.83 11.33
CA MET B 44 26.21 1.11 9.96
C MET B 44 27.00 0.32 8.94
N GLY B 45 28.31 0.19 9.18
CA GLY B 45 29.21 -0.59 8.32
C GLY B 45 28.83 -2.06 8.36
N LEU B 46 28.50 -2.54 9.58
CA LEU B 46 28.03 -3.89 9.86
C LEU B 46 26.69 -4.16 9.18
N LEU B 47 25.79 -3.14 9.14
CA LEU B 47 24.48 -3.27 8.52
C LEU B 47 24.62 -3.21 7.00
N THR B 48 25.56 -2.39 6.49
CA THR B 48 25.81 -2.24 5.06
C THR B 48 26.42 -3.51 4.53
N ASN B 49 27.40 -4.10 5.23
CA ASN B 49 28.02 -5.37 4.83
C ASN B 49 26.98 -6.50 4.82
N LEU B 50 26.04 -6.51 5.83
CA LEU B 50 24.95 -7.52 5.92
C LEU B 50 23.99 -7.40 4.75
N ALA B 51 23.53 -6.16 4.48
CA ALA B 51 22.64 -5.82 3.37
C ALA B 51 23.24 -6.18 1.99
N ASP B 52 24.56 -5.98 1.80
CA ASP B 52 25.25 -6.34 0.52
C ASP B 52 25.31 -7.84 0.34
N ARG B 53 25.60 -8.58 1.41
CA ARG B 53 25.63 -10.04 1.33
C ARG B 53 24.22 -10.60 1.15
N GLU B 54 23.19 -9.88 1.64
CA GLU B 54 21.79 -10.30 1.51
C GLU B 54 21.27 -10.13 0.10
N LEU B 55 21.79 -9.09 -0.62
CA LEU B 55 21.40 -8.78 -1.99
C LEU B 55 21.50 -9.96 -2.92
N VAL B 56 22.65 -10.66 -2.86
CA VAL B 56 22.97 -11.82 -3.68
C VAL B 56 21.95 -12.97 -3.48
N HIS B 57 21.56 -13.28 -2.25
CA HIS B 57 20.57 -14.33 -2.00
C HIS B 57 19.14 -13.89 -2.38
N MET B 58 18.88 -12.56 -2.44
CA MET B 58 17.58 -11.96 -2.80
C MET B 58 17.35 -12.15 -4.32
N ILE B 59 18.41 -11.94 -5.11
CA ILE B 59 18.44 -12.15 -6.56
C ILE B 59 18.01 -13.60 -6.82
N ASN B 60 18.63 -14.59 -6.09
CA ASN B 60 18.30 -16.00 -6.22
C ASN B 60 16.87 -16.29 -5.85
N TRP B 61 16.37 -15.68 -4.76
CA TRP B 61 14.98 -15.87 -4.35
C TRP B 61 14.03 -15.34 -5.44
N ALA B 62 14.32 -14.12 -5.97
CA ALA B 62 13.50 -13.45 -6.99
C ALA B 62 13.35 -14.31 -8.26
N LYS B 63 14.46 -14.93 -8.74
CA LYS B 63 14.45 -15.83 -9.91
C LYS B 63 13.62 -17.11 -9.66
N ARG B 64 13.27 -17.40 -8.41
CA ARG B 64 12.46 -18.56 -8.01
C ARG B 64 10.98 -18.18 -7.70
N VAL B 65 10.66 -16.87 -7.81
CA VAL B 65 9.29 -16.40 -7.59
C VAL B 65 8.51 -16.79 -8.87
N PRO B 66 7.36 -17.50 -8.77
CA PRO B 66 6.65 -17.93 -9.99
C PRO B 66 6.23 -16.75 -10.87
N GLY B 67 6.63 -16.80 -12.14
CA GLY B 67 6.32 -15.77 -13.12
C GLY B 67 7.42 -14.75 -13.34
N PHE B 68 8.29 -14.54 -12.34
CA PHE B 68 9.39 -13.57 -12.40
C PHE B 68 10.37 -13.81 -13.54
N VAL B 69 10.70 -15.09 -13.83
CA VAL B 69 11.60 -15.44 -14.94
C VAL B 69 10.93 -15.22 -16.32
N ASP B 70 9.58 -15.20 -16.36
CA ASP B 70 8.76 -14.94 -17.55
C ASP B 70 8.71 -13.43 -17.88
N LEU B 71 9.70 -12.65 -17.40
CA LEU B 71 9.86 -11.21 -17.62
C LEU B 71 11.24 -10.99 -18.25
N THR B 72 11.40 -9.90 -19.01
CA THR B 72 12.70 -9.59 -19.61
C THR B 72 13.64 -9.06 -18.51
N LEU B 73 14.96 -9.16 -18.73
CA LEU B 73 16.01 -8.74 -17.79
C LEU B 73 15.80 -7.32 -17.25
N HIS B 74 15.49 -6.36 -18.14
CA HIS B 74 15.25 -4.96 -17.79
C HIS B 74 14.04 -4.75 -16.89
N ASP B 75 12.98 -5.56 -17.05
CA ASP B 75 11.77 -5.50 -16.21
C ASP B 75 12.06 -6.10 -14.82
N GLN B 76 12.87 -7.16 -14.79
CA GLN B 76 13.32 -7.85 -13.59
C GLN B 76 14.21 -6.92 -12.76
N VAL B 77 15.12 -6.18 -13.44
CA VAL B 77 16.05 -5.21 -12.84
C VAL B 77 15.25 -4.04 -12.26
N HIS B 78 14.28 -3.53 -13.03
CA HIS B 78 13.40 -2.44 -12.62
C HIS B 78 12.62 -2.82 -11.35
N LEU B 79 12.04 -4.04 -11.32
CA LEU B 79 11.29 -4.52 -10.16
C LEU B 79 12.17 -4.68 -8.92
N LEU B 80 13.42 -5.15 -9.10
CA LEU B 80 14.34 -5.33 -7.99
C LEU B 80 14.91 -4.03 -7.43
N GLU B 81 15.18 -3.04 -8.31
CA GLU B 81 15.66 -1.71 -7.92
C GLU B 81 14.61 -0.98 -7.07
N SER B 82 13.32 -1.16 -7.39
CA SER B 82 12.23 -0.53 -6.67
C SER B 82 11.88 -1.24 -5.35
N ALA B 83 11.98 -2.59 -5.35
CA ALA B 83 11.60 -3.42 -4.22
C ALA B 83 12.68 -3.76 -3.20
N TRP B 84 13.98 -3.72 -3.60
CA TRP B 84 15.14 -4.11 -2.78
C TRP B 84 15.09 -3.81 -1.29
N LEU B 85 14.89 -2.52 -0.90
CA LEU B 85 14.88 -2.11 0.49
C LEU B 85 13.63 -2.58 1.26
N GLU B 86 12.44 -2.55 0.62
CA GLU B 86 11.18 -3.02 1.22
C GLU B 86 11.33 -4.52 1.50
N ILE B 87 12.11 -5.23 0.64
CA ILE B 87 12.34 -6.70 0.79
C ILE B 87 13.25 -6.93 1.96
N LEU B 88 14.26 -6.08 2.13
CA LEU B 88 15.17 -6.18 3.26
C LEU B 88 14.40 -5.96 4.53
N MET B 89 13.56 -4.92 4.54
CA MET B 89 12.73 -4.50 5.69
C MET B 89 11.72 -5.51 6.14
N ILE B 90 10.99 -6.11 5.21
CA ILE B 90 10.01 -7.12 5.55
C ILE B 90 10.63 -8.39 6.16
N GLY B 91 11.79 -8.81 5.66
CA GLY B 91 12.51 -9.97 6.20
C GLY B 91 13.00 -9.62 7.59
N LEU B 92 13.51 -8.38 7.77
CA LEU B 92 13.97 -7.95 9.09
C LEU B 92 12.80 -7.96 10.09
N VAL B 93 11.68 -7.34 9.70
CA VAL B 93 10.45 -7.31 10.51
C VAL B 93 9.98 -8.72 10.88
N TRP B 94 10.01 -9.67 9.91
CA TRP B 94 9.62 -11.05 10.16
C TRP B 94 10.53 -11.74 11.17
N ARG B 95 11.85 -11.76 10.94
CA ARG B 95 12.77 -12.40 11.87
C ARG B 95 12.88 -11.72 13.26
N SER B 96 12.39 -10.47 13.39
CA SER B 96 12.38 -9.71 14.65
C SER B 96 11.06 -9.93 15.46
N MET B 97 10.03 -10.50 14.82
CA MET B 97 8.70 -10.73 15.40
C MET B 97 8.60 -11.36 16.79
N GLU B 98 9.47 -12.34 17.09
CA GLU B 98 9.46 -13.02 18.40
C GLU B 98 10.49 -12.42 19.35
N HIS B 99 10.89 -11.15 19.10
CA HIS B 99 11.83 -10.34 19.89
C HIS B 99 11.26 -8.89 20.02
N PRO B 100 10.12 -8.72 20.78
CA PRO B 100 9.54 -7.36 20.93
C PRO B 100 10.52 -6.33 21.52
N GLY B 101 10.50 -5.13 20.96
CA GLY B 101 11.36 -4.01 21.31
C GLY B 101 12.75 -4.12 20.69
N LYS B 102 12.98 -5.17 19.87
CA LYS B 102 14.28 -5.43 19.26
C LYS B 102 14.18 -5.76 17.77
N LEU B 103 15.21 -5.34 17.03
CA LEU B 103 15.33 -5.62 15.60
C LEU B 103 16.47 -6.60 15.42
N LEU B 104 16.13 -7.82 14.95
CA LEU B 104 17.08 -8.91 14.73
C LEU B 104 17.67 -8.82 13.33
N PHE B 105 18.72 -7.99 13.17
CA PHE B 105 19.41 -7.82 11.88
C PHE B 105 20.09 -9.12 11.49
N ALA B 106 20.68 -9.82 12.48
CA ALA B 106 21.30 -11.14 12.30
C ALA B 106 21.26 -11.87 13.65
N PRO B 107 21.36 -13.22 13.75
CA PRO B 107 21.33 -13.86 15.09
C PRO B 107 22.38 -13.26 16.05
N ASN B 108 23.52 -12.79 15.49
CA ASN B 108 24.58 -12.11 16.24
C ASN B 108 24.47 -10.56 16.25
N LEU B 109 23.38 -10.00 15.69
CA LEU B 109 23.17 -8.56 15.66
C LEU B 109 21.72 -8.20 15.93
N LEU B 110 21.33 -8.35 17.21
CA LEU B 110 20.01 -8.04 17.72
C LEU B 110 20.14 -6.64 18.33
N LEU B 111 19.51 -5.64 17.69
CA LEU B 111 19.59 -4.25 18.14
C LEU B 111 18.34 -3.76 18.85
N ASP B 112 18.54 -3.24 20.08
CA ASP B 112 17.52 -2.68 20.97
C ASP B 112 17.17 -1.28 20.48
N ARG B 113 16.03 -0.72 20.95
CA ARG B 113 15.60 0.63 20.58
C ARG B 113 16.48 1.70 21.24
N MET B 122 18.31 7.93 12.08
CA MET B 122 17.98 6.57 11.67
C MET B 122 17.13 5.78 12.67
N VAL B 123 16.93 6.30 13.89
CA VAL B 123 16.12 5.72 14.99
C VAL B 123 14.62 5.91 14.62
N GLU B 124 14.33 6.92 13.76
CA GLU B 124 13.02 7.27 13.20
C GLU B 124 12.47 6.05 12.42
N ILE B 125 13.30 5.49 11.52
CA ILE B 125 12.97 4.30 10.73
C ILE B 125 12.84 3.06 11.62
N PHE B 126 13.73 2.95 12.62
CA PHE B 126 13.78 1.81 13.53
C PHE B 126 12.50 1.64 14.34
N ASP B 127 11.89 2.73 14.86
CA ASP B 127 10.63 2.68 15.60
C ASP B 127 9.48 2.23 14.70
N MET B 128 9.49 2.63 13.42
CA MET B 128 8.48 2.22 12.44
C MET B 128 8.61 0.72 12.20
N LEU B 129 9.87 0.23 11.99
CA LEU B 129 10.22 -1.17 11.82
C LEU B 129 9.68 -1.98 13.01
N LEU B 130 9.91 -1.51 14.25
CA LEU B 130 9.38 -2.12 15.48
C LEU B 130 7.85 -2.18 15.49
N ALA B 131 7.17 -1.08 15.07
CA ALA B 131 5.70 -0.99 15.02
C ALA B 131 5.13 -1.96 13.99
N THR B 132 5.83 -2.15 12.84
CA THR B 132 5.39 -3.11 11.81
C THR B 132 5.54 -4.52 12.39
N SER B 133 6.62 -4.73 13.17
CA SER B 133 6.91 -6.02 13.81
C SER B 133 5.87 -6.37 14.90
N SER B 134 5.45 -5.37 15.70
CA SER B 134 4.40 -5.52 16.72
C SER B 134 3.10 -5.87 16.02
N ARG B 135 2.76 -5.11 14.95
CA ARG B 135 1.54 -5.34 14.16
C ARG B 135 1.48 -6.77 13.61
N PHE B 136 2.56 -7.23 12.93
CA PHE B 136 2.64 -8.59 12.39
C PHE B 136 2.49 -9.66 13.46
N ARG B 137 2.97 -9.37 14.69
CA ARG B 137 2.91 -10.24 15.86
C ARG B 137 1.49 -10.35 16.43
N MET B 138 0.79 -9.21 16.62
CA MET B 138 -0.58 -9.18 17.17
C MET B 138 -1.62 -9.71 16.17
N MET B 139 -1.23 -9.84 14.90
CA MET B 139 -2.04 -10.40 13.83
C MET B 139 -1.76 -11.89 13.73
N ASN B 140 -0.64 -12.34 14.33
CA ASN B 140 -0.17 -13.74 14.26
C ASN B 140 0.15 -14.10 12.79
N LEU B 141 0.96 -13.25 12.12
CA LEU B 141 1.35 -13.50 10.74
C LEU B 141 2.10 -14.84 10.65
N GLN B 142 1.64 -15.70 9.73
CA GLN B 142 2.18 -17.03 9.43
C GLN B 142 3.28 -16.91 8.37
N GLY B 143 4.17 -17.92 8.35
CA GLY B 143 5.32 -18.00 7.44
C GLY B 143 4.90 -18.10 5.99
N GLU B 144 3.82 -18.85 5.75
CA GLU B 144 3.21 -19.02 4.44
C GLU B 144 2.66 -17.66 3.93
N GLU B 145 2.02 -16.86 4.81
CA GLU B 145 1.46 -15.51 4.54
C GLU B 145 2.58 -14.50 4.32
N PHE B 146 3.70 -14.63 5.06
CA PHE B 146 4.88 -13.78 4.94
C PHE B 146 5.48 -13.85 3.55
N VAL B 147 5.84 -15.06 3.09
CA VAL B 147 6.45 -15.33 1.77
C VAL B 147 5.57 -14.83 0.62
N CYS B 148 4.25 -14.83 0.83
CA CYS B 148 3.28 -14.32 -0.13
C CYS B 148 3.42 -12.80 -0.22
N LEU B 149 3.52 -12.14 0.97
CA LEU B 149 3.66 -10.70 1.08
C LEU B 149 4.95 -10.21 0.43
N LYS B 150 6.06 -10.93 0.66
CA LYS B 150 7.36 -10.66 0.06
C LYS B 150 7.25 -10.67 -1.47
N SER B 151 6.60 -11.70 -2.05
CA SER B 151 6.39 -11.83 -3.50
C SER B 151 5.61 -10.66 -4.11
N ILE B 152 4.47 -10.28 -3.50
CA ILE B 152 3.66 -9.12 -3.91
C ILE B 152 4.53 -7.83 -3.98
N ILE B 153 5.35 -7.56 -2.94
CA ILE B 153 6.22 -6.40 -2.85
C ILE B 153 7.14 -6.36 -4.07
N LEU B 154 7.78 -7.50 -4.38
CA LEU B 154 8.64 -7.61 -5.56
C LEU B 154 7.85 -7.29 -6.84
N LEU B 155 6.61 -7.78 -6.95
CA LEU B 155 5.86 -7.55 -8.20
C LEU B 155 5.13 -6.24 -8.31
N ASN B 156 4.73 -5.67 -7.15
CA ASN B 156 3.98 -4.42 -7.08
C ASN B 156 4.90 -3.21 -7.07
N SER B 157 6.14 -3.38 -6.60
CA SER B 157 7.17 -2.33 -6.61
C SER B 157 8.24 -2.70 -7.66
N ASP B 174 0.20 -6.98 -17.60
CA ASP B 174 -0.90 -7.93 -17.56
C ASP B 174 -0.47 -9.25 -16.93
N HIS B 175 0.76 -9.70 -17.24
CA HIS B 175 1.31 -10.94 -16.69
C HIS B 175 1.60 -10.78 -15.20
N ILE B 176 2.26 -9.65 -14.82
CA ILE B 176 2.62 -9.27 -13.45
C ILE B 176 1.36 -9.24 -12.59
N HIS B 177 0.28 -8.63 -13.14
CA HIS B 177 -1.03 -8.53 -12.50
C HIS B 177 -1.73 -9.86 -12.33
N ARG B 178 -1.58 -10.79 -13.31
CA ARG B 178 -2.14 -12.15 -13.26
C ARG B 178 -1.47 -12.95 -12.15
N VAL B 179 -0.13 -12.84 -12.03
CA VAL B 179 0.66 -13.50 -10.97
C VAL B 179 0.23 -12.94 -9.59
N LEU B 180 0.05 -11.60 -9.45
CA LEU B 180 -0.42 -10.93 -8.22
C LEU B 180 -1.79 -11.46 -7.83
N ASP B 181 -2.68 -11.63 -8.84
CA ASP B 181 -4.01 -12.21 -8.63
C ASP B 181 -3.83 -13.66 -8.14
N LYS B 182 -2.82 -14.41 -8.67
CA LYS B 182 -2.53 -15.77 -8.20
C LYS B 182 -2.04 -15.72 -6.74
N ILE B 183 -1.17 -14.73 -6.39
CA ILE B 183 -0.71 -14.56 -4.99
C ILE B 183 -1.89 -14.17 -4.11
N THR B 184 -2.85 -13.36 -4.64
CA THR B 184 -4.08 -13.04 -3.89
C THR B 184 -4.85 -14.33 -3.62
N ASP B 185 -5.00 -15.18 -4.65
CA ASP B 185 -5.66 -16.50 -4.56
C ASP B 185 -4.96 -17.36 -3.52
N THR B 186 -3.61 -17.47 -3.62
CA THR B 186 -2.78 -18.21 -2.65
C THR B 186 -3.03 -17.73 -1.21
N LEU B 187 -3.09 -16.39 -0.99
CA LEU B 187 -3.34 -15.80 0.34
C LEU B 187 -4.68 -16.17 0.95
N ILE B 188 -5.79 -16.01 0.22
CA ILE B 188 -7.15 -16.30 0.70
C ILE B 188 -7.31 -17.77 1.12
N HIS B 189 -6.78 -18.72 0.31
CA HIS B 189 -6.84 -20.16 0.57
C HIS B 189 -6.24 -20.51 1.92
N LEU B 190 -5.06 -19.94 2.25
CA LEU B 190 -4.36 -20.17 3.52
C LEU B 190 -5.24 -19.75 4.70
N MET B 191 -5.97 -18.64 4.54
CA MET B 191 -6.90 -18.10 5.56
C MET B 191 -8.17 -18.96 5.63
N ALA B 192 -8.67 -19.42 4.45
CA ALA B 192 -9.84 -20.29 4.33
C ALA B 192 -9.53 -21.62 5.00
N LYS B 193 -8.35 -22.22 4.68
CA LYS B 193 -7.85 -23.47 5.26
C LYS B 193 -7.11 -23.26 6.60
N ALA B 194 -7.62 -22.31 7.42
CA ALA B 194 -7.15 -21.97 8.78
C ALA B 194 -8.35 -21.80 9.72
N GLY B 195 -9.56 -21.78 9.16
CA GLY B 195 -10.80 -21.67 9.91
C GLY B 195 -11.44 -20.31 10.00
N LEU B 196 -11.12 -19.41 9.05
CA LEU B 196 -11.69 -18.06 9.00
C LEU B 196 -12.90 -18.04 8.10
N THR B 197 -13.89 -17.18 8.44
CA THR B 197 -15.13 -16.98 7.66
C THR B 197 -14.78 -16.07 6.47
N LEU B 198 -15.56 -16.15 5.37
CA LEU B 198 -15.34 -15.32 4.17
C LEU B 198 -15.19 -13.80 4.47
N GLN B 199 -15.86 -13.31 5.54
CA GLN B 199 -15.78 -11.93 6.01
C GLN B 199 -14.38 -11.69 6.63
N GLN B 200 -13.95 -12.60 7.53
CA GLN B 200 -12.64 -12.54 8.20
C GLN B 200 -11.48 -12.70 7.22
N GLN B 201 -11.71 -13.40 6.09
CA GLN B 201 -10.72 -13.64 5.03
C GLN B 201 -10.46 -12.38 4.24
N HIS B 202 -11.52 -11.59 3.94
CA HIS B 202 -11.33 -10.33 3.22
C HIS B 202 -10.75 -9.23 4.14
N GLN B 203 -11.06 -9.30 5.45
CA GLN B 203 -10.56 -8.36 6.46
C GLN B 203 -9.07 -8.54 6.71
N ARG B 204 -8.63 -9.79 6.90
CA ARG B 204 -7.21 -10.10 7.08
C ARG B 204 -6.41 -9.74 5.83
N LEU B 205 -6.90 -10.08 4.64
CA LEU B 205 -6.22 -9.75 3.38
C LEU B 205 -6.04 -8.22 3.23
N ALA B 206 -7.06 -7.42 3.67
CA ALA B 206 -7.02 -5.95 3.64
C ALA B 206 -5.94 -5.40 4.56
N GLN B 207 -5.96 -5.86 5.81
CA GLN B 207 -5.06 -5.48 6.90
C GLN B 207 -3.63 -5.73 6.45
N LEU B 208 -3.36 -6.95 5.90
CA LEU B 208 -2.05 -7.36 5.39
C LEU B 208 -1.50 -6.45 4.29
N LEU B 209 -2.35 -6.12 3.31
CA LEU B 209 -1.96 -5.30 2.16
C LEU B 209 -1.80 -3.85 2.53
N LEU B 210 -2.58 -3.37 3.53
CA LEU B 210 -2.44 -1.99 4.06
C LEU B 210 -1.12 -1.78 4.78
N ILE B 211 -0.54 -2.86 5.38
CA ILE B 211 0.80 -2.86 6.03
C ILE B 211 1.87 -2.59 4.95
N LEU B 212 1.62 -3.04 3.70
CA LEU B 212 2.55 -2.82 2.59
C LEU B 212 2.71 -1.35 2.25
N SER B 213 1.66 -0.54 2.50
CA SER B 213 1.73 0.92 2.32
C SER B 213 2.75 1.46 3.35
N HIS B 214 2.66 0.97 4.60
CA HIS B 214 3.55 1.40 5.68
C HIS B 214 4.97 0.91 5.42
N ILE B 215 5.12 -0.26 4.78
CA ILE B 215 6.42 -0.79 4.36
C ILE B 215 7.01 0.06 3.26
N ARG B 216 6.18 0.50 2.30
CA ARG B 216 6.60 1.39 1.20
C ARG B 216 7.09 2.70 1.75
N HIS B 217 6.40 3.21 2.77
CA HIS B 217 6.71 4.47 3.47
C HIS B 217 8.07 4.42 4.15
N MET B 218 8.42 3.31 4.85
CA MET B 218 9.72 3.14 5.54
C MET B 218 10.91 3.09 4.54
N SER B 219 10.72 2.40 3.41
CA SER B 219 11.68 2.25 2.31
C SER B 219 11.98 3.61 1.71
N ASN B 220 10.94 4.48 1.56
CA ASN B 220 11.15 5.84 1.04
C ASN B 220 12.02 6.62 2.02
N LYS B 221 11.75 6.54 3.34
CA LYS B 221 12.54 7.22 4.38
C LYS B 221 13.98 6.70 4.39
N GLY B 222 14.13 5.37 4.24
CA GLY B 222 15.41 4.69 4.16
C GLY B 222 16.22 5.13 2.95
N MET B 223 15.59 5.19 1.76
CA MET B 223 16.22 5.62 0.51
C MET B 223 16.65 7.09 0.59
N GLU B 224 15.90 7.90 1.36
CA GLU B 224 16.19 9.32 1.60
C GLU B 224 17.47 9.44 2.42
N HIS B 225 17.64 8.58 3.44
CA HIS B 225 18.85 8.58 4.29
C HIS B 225 20.08 8.13 3.51
N LEU B 226 19.95 7.06 2.71
CA LEU B 226 21.06 6.52 1.91
C LEU B 226 21.59 7.53 0.88
N TYR B 227 20.69 8.27 0.22
CA TYR B 227 21.02 9.29 -0.77
C TYR B 227 20.95 10.68 -0.15
C1 77W C . -3.89 20.31 -6.06
C2 77W C . -4.54 19.08 -5.88
C3 77W C . -3.79 17.91 -5.77
C12 77W C . 0.25 19.81 -7.44
C13 77W C . 0.29 20.08 -4.84
C14 77W C . 1.88 17.73 -5.92
C15 77W C . 2.57 18.08 -4.75
C16 77W C . 3.97 18.07 -4.71
C17 77W C . 4.69 17.69 -5.85
C18 77W C . 4.02 17.31 -7.02
C19 77W C . 2.60 17.35 -7.06
C20 77W C . -0.14 19.72 -3.54
C21 77W C . 0.24 20.48 -2.40
C22 77W C . 0.97 21.66 -2.56
C23 77W C . 1.41 22.03 -3.85
C24 77W C . 1.06 21.26 -4.98
C25 77W C . 1.34 22.40 -1.29
C26 77W C . 2.30 23.34 -1.23
C28 77W C . 2.71 24.07 -0.01
C4 77W C . -2.38 17.94 -5.81
C5 77W C . -1.71 19.16 -6.02
C6 77W C . -2.49 20.34 -6.12
C7 77W C . -1.64 16.62 -5.59
C8 77W C . -0.25 16.60 -6.24
N9 77W C . 0.50 17.83 -6.00
C10 77W C . -0.15 19.20 -6.05
O11 77W C . -5.93 18.95 -5.79
F27 77W C . 6.02 17.71 -5.81
O29 77W C . 2.23 23.81 1.09
O30 77W C . 3.69 24.97 -0.12
C1 77W D . 19.90 -5.33 6.46
C2 77W D . 18.63 -5.88 6.68
C3 77W D . 17.54 -5.03 6.91
C12 77W D . 19.74 -1.20 8.24
C13 77W D . 20.10 -1.16 5.61
C14 77W D . 17.84 0.63 6.68
C15 77W D . 18.29 1.32 5.54
C16 77W D . 18.33 2.73 5.51
C17 77W D . 17.87 3.44 6.63
C18 77W D . 17.39 2.77 7.76
C19 77W D . 17.38 1.36 7.81
C20 77W D . 19.75 -1.53 4.29
C21 77W D . 20.60 -1.26 3.21
C22 77W D . 21.88 -0.68 3.43
C23 77W D . 22.22 -0.31 4.74
C24 77W D . 21.37 -0.58 5.82
C25 77W D . 22.78 -0.41 2.24
C26 77W D . 23.50 0.71 2.15
C28 77W D . 24.39 1.12 1.03
C4 77W D . 17.69 -3.63 6.94
C5 77W D . 18.97 -3.06 6.77
C6 77W D . 20.07 -3.92 6.53
C7 77W D . 16.47 -2.75 7.25
C8 77W D . 16.56 -1.39 6.54
N9 77W D . 17.85 -0.74 6.70
C10 77W D . 19.15 -1.50 6.81
O11 77W D . 18.39 -7.24 6.57
F27 77W D . 17.91 4.76 6.61
O29 77W D . 24.22 0.68 -0.09
O30 77W D . 25.35 2.01 1.26
#